data_6X8Y
#
_entry.id   6X8Y
#
_cell.length_a   45.140
_cell.length_b   50.720
_cell.length_c   79.610
_cell.angle_alpha   90.000
_cell.angle_beta   90.000
_cell.angle_gamma   90.000
#
_symmetry.space_group_name_H-M   'P 21 21 21'
#
loop_
_entity.id
_entity.type
_entity.pdbx_description
1 polymer 'Antifreeze protein'
2 non-polymer beta-D-ribopyranose
3 non-polymer 'CALCIUM ION'
4 non-polymer 1,2-ETHANEDIOL
5 water water
#
_entity_poly.entity_id   1
_entity_poly.type   'polypeptide(L)'
_entity_poly.pdbx_seq_one_letter_code
;DSTPDSLFAGLVGEYYGTNSQLNNISDFRALVDSKEADATFEAANISYGRGSSDVAKGTHLQEFLGSDASTLSTDPGDNT
DGGIYLQGYVYLEAGTYNFKVTADDGYEITINGNPVATVDNNQSVYTVTHASFTISESGYQAIDMIWWDQGGDYVFQPTL
SADGGSTYFVLDSAILSSTGETPYT
;
_entity_poly.pdbx_strand_id   A
#
loop_
_chem_comp.id
_chem_comp.type
_chem_comp.name
_chem_comp.formula
CA non-polymer 'CALCIUM ION' 'Ca 2'
EDO non-polymer 1,2-ETHANEDIOL 'C2 H6 O2'
RIP D-saccharide, beta linking beta-D-ribopyranose 'C5 H10 O5'
#
# COMPACT_ATOMS: atom_id res chain seq x y z
N PRO A 4 -10.25 -10.09 -19.05
CA PRO A 4 -8.80 -10.22 -18.89
C PRO A 4 -8.20 -9.10 -18.01
N ASP A 5 -7.47 -9.46 -16.96
CA ASP A 5 -6.78 -8.52 -16.08
C ASP A 5 -5.35 -8.30 -16.58
N SER A 6 -4.91 -7.05 -16.53
CA SER A 6 -3.55 -6.83 -17.07
C SER A 6 -2.46 -7.43 -16.20
N LEU A 7 -1.43 -7.91 -16.88
CA LEU A 7 -0.24 -8.47 -16.24
C LEU A 7 0.84 -7.40 -16.23
N PHE A 8 1.21 -6.97 -15.03
CA PHE A 8 2.29 -6.01 -14.87
C PHE A 8 3.04 -6.33 -13.58
N ALA A 9 4.25 -5.76 -13.48
CA ALA A 9 5.13 -5.98 -12.33
C ALA A 9 4.77 -4.98 -11.24
N GLY A 10 3.68 -5.25 -10.52
CA GLY A 10 3.13 -4.33 -9.55
C GLY A 10 1.88 -4.93 -8.96
N LEU A 11 1.33 -4.22 -7.98
CA LEU A 11 0.02 -4.56 -7.43
C LEU A 11 -1.06 -3.72 -8.10
N VAL A 12 -2.27 -4.28 -8.15
CA VAL A 12 -3.43 -3.54 -8.63
C VAL A 12 -3.78 -2.50 -7.57
N GLY A 13 -3.76 -1.22 -7.94
CA GLY A 13 -4.04 -0.13 -7.03
C GLY A 13 -5.40 0.50 -7.26
N GLU A 14 -6.09 0.82 -6.16
CA GLU A 14 -7.32 1.58 -6.17
C GLU A 14 -7.21 2.69 -5.14
N TYR A 15 -7.63 3.88 -5.54
CA TYR A 15 -7.70 5.03 -4.65
C TYR A 15 -9.16 5.38 -4.39
N TYR A 16 -9.46 5.69 -3.12
CA TYR A 16 -10.78 6.12 -2.68
C TYR A 16 -10.66 7.38 -1.86
N GLY A 17 -11.49 8.38 -2.21
CA GLY A 17 -11.60 9.58 -1.42
C GLY A 17 -12.96 9.69 -0.74
N THR A 18 -13.04 10.50 0.31
CA THR A 18 -14.30 10.71 1.02
C THR A 18 -14.25 12.03 1.76
N ASN A 19 -15.43 12.57 2.05
CA ASN A 19 -15.54 13.75 2.92
C ASN A 19 -16.00 13.42 4.33
N SER A 20 -16.04 12.11 4.65
CA SER A 20 -16.20 11.62 6.00
C SER A 20 -14.83 11.36 6.63
N GLN A 21 -14.82 11.23 7.96
CA GLN A 21 -13.57 11.01 8.69
C GLN A 21 -13.17 9.53 8.65
N LEU A 22 -11.91 9.31 8.35
CA LEU A 22 -11.29 7.98 8.46
C LEU A 22 -10.50 7.93 9.78
N ASN A 23 -10.97 7.11 10.73
CA ASN A 23 -10.32 6.97 12.03
C ASN A 23 -9.52 5.69 12.17
N ASN A 24 -9.78 4.69 11.37
CA ASN A 24 -9.25 3.35 11.62
C ASN A 24 -9.42 2.52 10.35
N ILE A 25 -8.90 1.29 10.43
CA ILE A 25 -8.92 0.39 9.29
C ILE A 25 -10.34 0.11 8.84
N SER A 26 -11.24 -0.15 9.81
CA SER A 26 -12.65 -0.42 9.50
C SER A 26 -13.27 0.67 8.65
N ASP A 27 -12.98 1.93 9.00
CA ASP A 27 -13.56 3.06 8.24
C ASP A 27 -13.07 3.03 6.80
N PHE A 28 -11.78 2.77 6.59
CA PHE A 28 -11.29 2.77 5.21
C PHE A 28 -11.85 1.57 4.43
N ARG A 29 -11.86 0.38 5.05
CA ARG A 29 -12.43 -0.77 4.36
C ARG A 29 -13.90 -0.53 4.00
N ALA A 30 -14.67 0.11 4.90
CA ALA A 30 -16.06 0.41 4.57
C ALA A 30 -16.16 1.38 3.40
N LEU A 31 -15.24 2.33 3.31
CA LEU A 31 -15.23 3.22 2.16
C LEU A 31 -15.01 2.43 0.86
N VAL A 32 -14.03 1.51 0.87
CA VAL A 32 -13.77 0.69 -0.31
C VAL A 32 -15.02 -0.09 -0.71
N ASP A 33 -15.74 -0.64 0.29
CA ASP A 33 -16.97 -1.40 0.03
C ASP A 33 -18.07 -0.54 -0.57
N SER A 34 -18.05 0.76 -0.32
CA SER A 34 -19.19 1.62 -0.55
C SER A 34 -19.36 2.09 -1.99
N LYS A 35 -18.35 2.00 -2.84
CA LYS A 35 -18.42 2.60 -4.16
C LYS A 35 -17.31 2.02 -5.03
N GLU A 36 -17.34 2.38 -6.30
CA GLU A 36 -16.22 2.09 -7.18
C GLU A 36 -15.04 3.00 -6.84
N ALA A 37 -13.83 2.52 -7.14
CA ALA A 37 -12.64 3.33 -6.90
C ALA A 37 -12.75 4.67 -7.62
N ASP A 38 -12.26 5.71 -6.97
CA ASP A 38 -12.17 7.02 -7.59
C ASP A 38 -11.06 7.06 -8.63
N ALA A 39 -10.04 6.20 -8.51
CA ALA A 39 -9.03 6.04 -9.56
C ALA A 39 -8.39 4.69 -9.39
N THR A 40 -7.86 4.14 -10.48
CA THR A 40 -7.02 2.96 -10.41
C THR A 40 -5.62 3.31 -10.87
N PHE A 41 -4.64 2.47 -10.49
CA PHE A 41 -3.26 2.68 -10.88
C PHE A 41 -2.50 1.36 -10.68
N GLU A 42 -1.28 1.32 -11.23
CA GLU A 42 -0.35 0.21 -11.05
C GLU A 42 0.63 0.60 -9.94
N ALA A 43 0.68 -0.20 -8.89
CA ALA A 43 1.55 0.07 -7.74
C ALA A 43 2.84 -0.75 -7.93
N ALA A 44 3.81 -0.16 -8.62
CA ALA A 44 5.07 -0.80 -8.96
C ALA A 44 6.24 -0.37 -8.10
N ASN A 45 6.09 0.66 -7.27
CA ASN A 45 7.20 1.11 -6.43
C ASN A 45 6.59 1.67 -5.15
N ILE A 46 6.38 0.79 -4.17
CA ILE A 46 5.48 1.10 -3.05
C ILE A 46 6.26 1.83 -1.98
N SER A 47 6.57 3.10 -2.28
CA SER A 47 7.24 4.03 -1.38
C SER A 47 6.68 5.41 -1.74
N TYR A 48 5.71 5.85 -0.96
CA TYR A 48 4.86 6.98 -1.36
C TYR A 48 5.02 8.12 -0.37
N GLY A 49 4.97 9.34 -0.87
CA GLY A 49 5.10 10.50 0.00
C GLY A 49 6.55 10.73 0.39
N ARG A 50 6.81 11.62 1.36
CA ARG A 50 5.85 12.33 2.23
C ARG A 50 5.35 13.61 1.57
N GLY A 51 4.18 14.04 1.99
CA GLY A 51 3.66 15.35 1.60
C GLY A 51 2.75 15.89 2.67
N SER A 52 2.21 17.09 2.38
CA SER A 52 1.41 17.86 3.31
C SER A 52 0.10 18.31 2.65
N SER A 53 -0.79 18.82 3.51
CA SER A 53 -2.02 19.51 3.02
C SER A 53 -3.03 18.56 2.38
N ASP A 54 -3.13 17.34 2.92
CA ASP A 54 -4.19 16.33 2.63
C ASP A 54 -3.91 15.55 1.34
N VAL A 55 -3.79 14.22 1.46
CA VAL A 55 -3.49 13.46 0.22
C VAL A 55 -4.64 13.60 -0.80
N ALA A 56 -5.87 13.84 -0.32
CA ALA A 56 -7.05 13.81 -1.18
C ALA A 56 -7.34 15.14 -1.86
N LYS A 57 -6.51 16.15 -1.61
CA LYS A 57 -6.73 17.48 -2.21
C LYS A 57 -5.79 17.71 -3.40
N GLY A 58 -6.28 18.45 -4.40
CA GLY A 58 -5.44 18.91 -5.48
C GLY A 58 -4.69 17.78 -6.17
N THR A 59 -3.39 18.01 -6.37
CA THR A 59 -2.53 17.03 -7.02
C THR A 59 -1.67 16.28 -6.00
N HIS A 60 -2.09 16.27 -4.74
CA HIS A 60 -1.28 15.60 -3.71
C HIS A 60 -1.19 14.10 -3.94
N LEU A 61 -2.24 13.46 -4.46
CA LEU A 61 -2.17 12.01 -4.70
C LEU A 61 -1.11 11.71 -5.76
N GLN A 62 -1.09 12.51 -6.82
CA GLN A 62 -0.09 12.34 -7.88
C GLN A 62 1.31 12.44 -7.29
N GLU A 63 1.53 13.45 -6.45
CA GLU A 63 2.84 13.66 -5.86
C GLU A 63 3.22 12.48 -4.96
N PHE A 64 2.26 12.03 -4.16
CA PHE A 64 2.44 10.89 -3.26
C PHE A 64 2.83 9.62 -4.00
N LEU A 65 2.08 9.33 -5.09
CA LEU A 65 2.34 8.08 -5.85
C LEU A 65 3.61 8.17 -6.69
N GLY A 66 4.07 9.41 -6.98
CA GLY A 66 5.31 9.60 -7.75
C GLY A 66 5.36 8.84 -9.04
N SER A 67 6.37 7.95 -9.15
CA SER A 67 6.69 7.02 -10.26
C SER A 67 5.48 6.18 -10.67
N ASP A 68 4.48 5.96 -9.82
CA ASP A 68 3.28 5.17 -10.15
C ASP A 68 2.13 6.06 -10.65
N ALA A 69 2.19 7.38 -10.46
CA ALA A 69 1.05 8.24 -10.83
C ALA A 69 0.78 8.27 -12.33
N SER A 70 1.78 7.95 -13.18
CA SER A 70 1.54 7.99 -14.63
C SER A 70 0.56 6.92 -15.08
N THR A 71 0.21 5.97 -14.19
CA THR A 71 -0.76 4.94 -14.51
C THR A 71 -2.14 5.23 -13.94
N LEU A 72 -2.35 6.43 -13.36
CA LEU A 72 -3.68 6.78 -12.87
C LEU A 72 -4.72 6.76 -13.99
N SER A 73 -5.87 6.17 -13.70
CA SER A 73 -6.97 6.12 -14.67
C SER A 73 -7.66 7.47 -14.84
N THR A 74 -7.60 8.30 -13.81
CA THR A 74 -8.26 9.60 -13.79
C THR A 74 -7.56 10.41 -12.71
N ASP A 75 -7.81 11.73 -12.72
CA ASP A 75 -7.39 12.63 -11.65
C ASP A 75 -8.58 12.83 -10.73
N PRO A 76 -8.60 12.22 -9.54
CA PRO A 76 -9.75 12.41 -8.65
C PRO A 76 -9.98 13.88 -8.33
N GLY A 77 -11.25 14.21 -8.08
CA GLY A 77 -11.56 15.50 -7.51
C GLY A 77 -11.14 15.59 -6.04
N ASP A 78 -11.36 16.76 -5.44
CA ASP A 78 -10.96 16.96 -4.05
C ASP A 78 -11.85 16.16 -3.12
N ASN A 79 -11.23 15.67 -2.05
CA ASN A 79 -11.92 15.15 -0.89
C ASN A 79 -11.11 15.53 0.34
N THR A 80 -11.67 15.37 1.55
CA THR A 80 -10.90 15.68 2.75
C THR A 80 -9.99 14.53 3.18
N ASP A 81 -10.43 13.29 2.96
CA ASP A 81 -9.77 12.10 3.45
C ASP A 81 -9.64 11.13 2.28
N GLY A 82 -8.65 10.25 2.32
CA GLY A 82 -8.57 9.28 1.23
C GLY A 82 -7.52 8.23 1.52
N GLY A 83 -7.49 7.18 0.70
CA GLY A 83 -6.55 6.11 0.92
C GLY A 83 -6.47 5.20 -0.29
N ILE A 84 -5.62 4.18 -0.15
CA ILE A 84 -5.37 3.23 -1.22
C ILE A 84 -5.60 1.80 -0.75
N TYR A 85 -6.01 0.96 -1.71
CA TYR A 85 -6.16 -0.49 -1.56
C TYR A 85 -5.36 -1.11 -2.68
N LEU A 86 -4.35 -1.92 -2.31
CA LEU A 86 -3.47 -2.57 -3.26
C LEU A 86 -3.67 -4.07 -3.13
N GLN A 87 -3.68 -4.81 -4.24
CA GLN A 87 -3.78 -6.27 -4.16
C GLN A 87 -3.06 -6.90 -5.34
N GLY A 88 -2.47 -8.06 -5.06
CA GLY A 88 -1.86 -8.86 -6.10
C GLY A 88 -0.95 -9.88 -5.47
N TYR A 89 0.26 -10.02 -5.98
CA TYR A 89 1.18 -11.08 -5.59
C TYR A 89 2.58 -10.54 -5.44
N VAL A 90 3.36 -11.21 -4.58
CA VAL A 90 4.74 -10.86 -4.30
C VAL A 90 5.56 -12.14 -4.26
N TYR A 91 6.65 -12.17 -5.01
CA TYR A 91 7.50 -13.36 -5.02
C TYR A 91 8.36 -13.39 -3.77
N LEU A 92 8.20 -14.43 -2.97
CA LEU A 92 9.02 -14.62 -1.75
C LEU A 92 9.42 -16.10 -1.68
N GLU A 93 10.68 -16.31 -1.36
CA GLU A 93 11.16 -17.69 -1.11
C GLU A 93 10.64 -18.12 0.26
N ALA A 94 10.56 -19.42 0.49
CA ALA A 94 10.19 -19.92 1.83
C ALA A 94 11.21 -19.38 2.85
N GLY A 95 10.69 -18.98 4.01
CA GLY A 95 11.55 -18.49 5.06
C GLY A 95 10.79 -17.53 5.97
N THR A 96 11.54 -16.78 6.77
CA THR A 96 11.01 -15.84 7.77
C THR A 96 11.23 -14.41 7.29
N TYR A 97 10.24 -13.54 7.53
CA TYR A 97 10.28 -12.16 7.09
C TYR A 97 9.65 -11.28 8.14
N ASN A 98 9.91 -9.97 8.06
CA ASN A 98 9.12 -9.01 8.84
C ASN A 98 9.08 -7.68 8.13
N PHE A 99 7.94 -7.01 8.25
CA PHE A 99 7.80 -5.64 7.76
C PHE A 99 8.31 -4.61 8.77
N LYS A 100 8.74 -3.47 8.21
CA LYS A 100 9.03 -2.25 8.97
C LYS A 100 8.44 -1.11 8.15
N VAL A 101 7.43 -0.44 8.69
CA VAL A 101 6.58 0.43 7.89
C VAL A 101 6.61 1.83 8.48
N THR A 102 6.85 2.82 7.61
CA THR A 102 6.74 4.23 7.95
C THR A 102 5.42 4.74 7.38
N ALA A 103 4.58 5.37 8.21
CA ALA A 103 3.28 5.79 7.72
C ALA A 103 2.71 6.94 8.52
N ASP A 104 1.87 7.70 7.80
CA ASP A 104 0.89 8.67 8.32
C ASP A 104 -0.23 8.57 7.28
N ASP A 105 -1.42 8.06 7.61
CA ASP A 105 -1.95 7.65 8.92
C ASP A 105 -1.70 6.14 9.10
N GLY A 106 -2.75 5.34 9.22
CA GLY A 106 -2.61 3.93 9.50
C GLY A 106 -2.66 3.05 8.24
N TYR A 107 -2.63 1.73 8.48
CA TYR A 107 -2.47 0.78 7.39
C TYR A 107 -2.71 -0.63 7.89
N GLU A 108 -2.92 -1.55 6.93
CA GLU A 108 -2.87 -2.97 7.20
C GLU A 108 -2.36 -3.70 5.96
N ILE A 109 -1.40 -4.59 6.18
CA ILE A 109 -0.85 -5.44 5.13
C ILE A 109 -1.17 -6.89 5.51
N THR A 110 -1.68 -7.65 4.53
CA THR A 110 -1.93 -9.07 4.71
C THR A 110 -1.15 -9.85 3.66
N ILE A 111 -0.71 -11.05 4.08
CA ILE A 111 -0.04 -11.98 3.13
C ILE A 111 -0.75 -13.33 3.29
N ASN A 112 -1.17 -13.90 2.17
CA ASN A 112 -1.93 -15.15 2.18
C ASN A 112 -3.12 -15.04 3.14
N GLY A 113 -3.74 -13.86 3.18
CA GLY A 113 -4.94 -13.61 3.96
C GLY A 113 -4.74 -13.27 5.41
N ASN A 114 -3.50 -13.31 5.92
CA ASN A 114 -3.23 -13.08 7.33
C ASN A 114 -2.60 -11.73 7.54
N PRO A 115 -3.06 -10.93 8.49
CA PRO A 115 -2.38 -9.65 8.74
C PRO A 115 -0.96 -9.88 9.23
N VAL A 116 -0.05 -9.09 8.66
CA VAL A 116 1.35 -9.12 9.02
C VAL A 116 1.89 -7.75 9.42
N ALA A 117 1.08 -6.69 9.24
CA ALA A 117 1.50 -5.37 9.71
C ALA A 117 0.24 -4.54 9.84
N THR A 118 -0.04 -4.05 11.06
CA THR A 118 -1.31 -3.36 11.33
C THR A 118 -1.04 -2.12 12.18
N VAL A 119 -1.59 -0.98 11.76
CA VAL A 119 -1.73 0.21 12.61
C VAL A 119 -3.18 0.68 12.44
N ASP A 120 -3.98 0.46 13.46
CA ASP A 120 -5.44 0.66 13.43
C ASP A 120 -5.86 2.00 13.99
N ASN A 121 -5.18 3.07 13.61
CA ASN A 121 -5.47 4.40 14.14
C ASN A 121 -4.72 5.41 13.28
N ASN A 122 -5.11 6.66 13.47
CA ASN A 122 -4.42 7.79 12.89
C ASN A 122 -3.13 8.06 13.64
N GLN A 123 -2.16 8.66 12.93
CA GLN A 123 -0.87 8.99 13.53
C GLN A 123 -0.10 9.93 12.62
N SER A 124 0.61 10.89 13.24
CA SER A 124 1.69 11.53 12.50
C SER A 124 2.79 10.50 12.22
N VAL A 125 3.72 10.85 11.32
CA VAL A 125 4.67 9.88 10.78
C VAL A 125 5.32 9.08 11.89
N TYR A 126 5.33 7.76 11.69
CA TYR A 126 5.92 6.87 12.67
C TYR A 126 6.32 5.59 11.95
N THR A 127 7.42 4.99 12.40
CA THR A 127 7.94 3.75 11.83
C THR A 127 7.82 2.62 12.85
N VAL A 128 7.08 1.58 12.50
CA VAL A 128 6.91 0.39 13.34
C VAL A 128 7.69 -0.76 12.73
N THR A 129 8.50 -1.45 13.55
CA THR A 129 9.07 -2.73 13.21
C THR A 129 8.09 -3.81 13.67
N HIS A 130 7.50 -4.52 12.71
CA HIS A 130 6.46 -5.50 12.98
C HIS A 130 7.06 -6.88 13.27
N ALA A 131 6.22 -7.73 13.86
CA ALA A 131 6.57 -9.09 14.21
C ALA A 131 6.82 -9.93 12.95
N SER A 132 7.65 -10.95 13.10
CA SER A 132 7.97 -11.78 11.96
C SER A 132 6.82 -12.73 11.61
N PHE A 133 6.87 -13.21 10.37
CA PHE A 133 5.95 -14.21 9.87
C PHE A 133 6.73 -15.16 8.97
N THR A 134 6.13 -16.31 8.69
CA THR A 134 6.78 -17.29 7.84
C THR A 134 6.04 -17.49 6.54
N ILE A 135 6.81 -17.81 5.51
CA ILE A 135 6.32 -18.26 4.20
C ILE A 135 6.72 -19.71 4.07
N SER A 136 5.75 -20.59 3.84
CA SER A 136 6.01 -22.02 3.84
C SER A 136 6.45 -22.57 2.49
N GLU A 137 6.06 -21.94 1.38
CA GLU A 137 6.37 -22.45 0.06
C GLU A 137 6.82 -21.30 -0.84
N SER A 138 8.00 -21.43 -1.47
CA SER A 138 8.51 -20.39 -2.35
C SER A 138 7.56 -20.16 -3.52
N GLY A 139 7.41 -18.90 -3.92
CA GLY A 139 6.61 -18.57 -5.09
C GLY A 139 5.93 -17.23 -4.88
N TYR A 140 4.98 -16.96 -5.76
CA TYR A 140 4.15 -15.78 -5.63
C TYR A 140 3.13 -15.96 -4.50
N GLN A 141 3.22 -15.09 -3.49
CA GLN A 141 2.32 -15.09 -2.34
C GLN A 141 1.26 -14.02 -2.59
N ALA A 142 0.02 -14.30 -2.15
CA ALA A 142 -1.00 -13.26 -2.22
C ALA A 142 -0.68 -12.17 -1.21
N ILE A 143 -0.87 -10.91 -1.62
CA ILE A 143 -0.63 -9.78 -0.73
C ILE A 143 -1.69 -8.73 -0.98
N ASP A 144 -2.12 -8.08 0.08
CA ASP A 144 -2.89 -6.85 -0.08
C ASP A 144 -2.48 -5.85 0.98
N MET A 145 -2.79 -4.58 0.69
CA MET A 145 -2.47 -3.48 1.60
C MET A 145 -3.62 -2.49 1.55
N ILE A 146 -3.90 -1.89 2.71
CA ILE A 146 -4.65 -0.64 2.76
C ILE A 146 -3.80 0.36 3.53
N TRP A 147 -3.99 1.64 3.19
CA TRP A 147 -3.36 2.78 3.84
C TRP A 147 -4.33 3.95 3.67
N TRP A 148 -4.38 4.86 4.65
CA TRP A 148 -5.17 6.06 4.43
C TRP A 148 -4.53 7.26 5.11
N ASP A 149 -5.08 8.41 4.72
CA ASP A 149 -4.80 9.72 5.29
C ASP A 149 -6.13 10.33 5.76
N GLN A 150 -6.20 10.68 7.05
CA GLN A 150 -7.35 11.42 7.59
C GLN A 150 -7.27 12.90 7.26
N GLY A 151 -6.12 13.37 6.76
CA GLY A 151 -5.85 14.77 6.54
C GLY A 151 -4.49 15.13 7.05
N GLY A 152 -4.00 16.27 6.60
CA GLY A 152 -2.69 16.79 7.02
C GLY A 152 -1.56 16.19 6.23
N ASP A 153 -0.55 15.68 6.94
CA ASP A 153 0.57 15.06 6.28
CA ASP A 153 0.57 15.04 6.28
C ASP A 153 0.25 13.60 5.94
N TYR A 154 1.08 13.00 5.09
CA TYR A 154 0.85 11.65 4.59
C TYR A 154 2.15 11.06 4.09
N VAL A 155 2.34 9.76 4.36
CA VAL A 155 3.50 9.01 3.88
C VAL A 155 3.16 7.54 4.02
N PHE A 156 3.70 6.70 3.13
CA PHE A 156 3.50 5.24 3.27
C PHE A 156 4.66 4.51 2.62
N GLN A 157 5.51 3.87 3.44
CA GLN A 157 6.66 3.12 2.95
C GLN A 157 6.79 1.81 3.72
N PRO A 158 6.12 0.77 3.28
N PRO A 158 6.20 0.70 3.20
CA PRO A 158 6.39 -0.54 3.86
CA PRO A 158 6.29 -0.59 3.90
C PRO A 158 7.74 -0.98 3.33
C PRO A 158 7.44 -1.46 3.43
N THR A 159 8.53 -1.54 4.18
CA THR A 159 9.74 -2.24 3.78
C THR A 159 9.73 -3.63 4.40
N LEU A 160 10.46 -4.55 3.78
CA LEU A 160 10.43 -5.96 4.18
C LEU A 160 11.84 -6.46 4.38
N SER A 161 12.06 -7.28 5.41
CA SER A 161 13.35 -7.91 5.65
C SER A 161 13.21 -9.43 5.55
N ALA A 162 14.18 -10.05 4.90
CA ALA A 162 14.34 -11.49 4.79
C ALA A 162 15.46 -12.03 5.65
N ASP A 163 16.15 -11.17 6.39
CA ASP A 163 17.40 -11.54 7.07
C ASP A 163 17.37 -11.14 8.54
N GLY A 164 16.18 -11.20 9.13
CA GLY A 164 16.06 -10.97 10.55
C GLY A 164 16.19 -9.51 10.95
N GLY A 165 15.83 -8.60 10.05
CA GLY A 165 15.85 -7.20 10.37
C GLY A 165 17.16 -6.50 10.14
N SER A 166 18.13 -7.17 9.54
N SER A 166 18.15 -7.15 9.48
CA SER A 166 19.38 -6.48 9.25
CA SER A 166 19.45 -6.53 9.17
C SER A 166 19.26 -5.55 8.05
C SER A 166 19.40 -5.63 7.95
N THR A 167 18.62 -6.01 6.95
CA THR A 167 18.40 -5.20 5.79
C THR A 167 16.93 -5.28 5.40
N TYR A 168 16.45 -4.20 4.78
CA TYR A 168 15.07 -4.09 4.36
C TYR A 168 15.04 -3.58 2.93
N PHE A 169 13.99 -3.98 2.19
CA PHE A 169 13.79 -3.54 0.83
C PHE A 169 12.36 -3.07 0.62
N VAL A 170 12.20 -2.14 -0.33
CA VAL A 170 10.90 -1.71 -0.82
C VAL A 170 10.34 -2.78 -1.76
N LEU A 171 9.02 -2.95 -1.72
CA LEU A 171 8.33 -3.84 -2.65
C LEU A 171 8.11 -3.08 -3.96
N ASP A 172 8.70 -3.62 -5.05
CA ASP A 172 8.68 -2.96 -6.33
C ASP A 172 8.65 -4.01 -7.45
N SER A 173 8.88 -3.52 -8.68
CA SER A 173 8.72 -4.35 -9.87
C SER A 173 9.67 -5.54 -9.91
N ALA A 174 10.71 -5.59 -9.08
CA ALA A 174 11.56 -6.78 -9.04
C ALA A 174 10.79 -8.03 -8.65
N ILE A 175 9.78 -7.91 -7.78
CA ILE A 175 9.14 -9.07 -7.17
C ILE A 175 7.61 -9.05 -7.21
N LEU A 176 7.00 -7.93 -7.64
CA LEU A 176 5.54 -7.85 -7.63
C LEU A 176 4.95 -8.40 -8.94
N SER A 177 3.75 -8.97 -8.84
CA SER A 177 3.01 -9.40 -10.02
C SER A 177 1.54 -9.14 -9.80
N SER A 178 0.87 -8.58 -10.80
CA SER A 178 -0.54 -8.26 -10.64
C SER A 178 -1.44 -9.48 -10.60
N THR A 179 -1.03 -10.57 -11.28
CA THR A 179 -1.92 -11.73 -11.43
C THR A 179 -1.33 -13.01 -10.87
N GLY A 180 -0.02 -13.01 -10.52
CA GLY A 180 0.64 -14.24 -10.10
C GLY A 180 1.38 -14.94 -11.22
N GLU A 181 1.24 -14.46 -12.46
CA GLU A 181 2.09 -14.90 -13.56
C GLU A 181 3.38 -14.10 -13.54
N THR A 182 4.40 -14.63 -14.19
CA THR A 182 5.70 -13.95 -14.20
C THR A 182 5.64 -12.76 -15.15
N PRO A 183 5.91 -11.55 -14.69
CA PRO A 183 5.91 -10.39 -15.60
C PRO A 183 7.25 -10.27 -16.33
N TYR A 184 7.14 -9.97 -17.63
CA TYR A 184 8.28 -9.65 -18.52
C TYR A 184 8.03 -8.27 -19.14
N THR A 185 8.01 -7.26 -18.29
CA THR A 185 7.62 -5.92 -18.68
C THR A 185 8.75 -4.92 -18.43
C1 RIP B . -2.14 15.35 10.79
C2 RIP B . -1.22 14.16 10.61
C3 RIP B . -1.83 12.92 11.21
C4 RIP B . -2.25 13.15 12.64
C5 RIP B . -3.09 14.40 12.72
O1 RIP B . -1.51 16.53 10.35
O2 RIP B . -0.92 13.99 9.23
O3 RIP B . -2.95 12.53 10.39
O4 RIP B . -2.98 12.03 13.08
O5 RIP B . -2.37 15.50 12.20
CA CA C . -2.46 12.45 7.94
CA CA D . -7.01 15.75 -7.83
CA CA E . -10.49 13.79 8.15
CA CA F . -15.23 -0.68 -4.26
C1 EDO G . 1.02 16.61 -10.29
O1 EDO G . 0.58 17.73 -10.71
C2 EDO G . 0.67 15.64 -11.41
O2 EDO G . 1.65 14.96 -11.87
C1 EDO H . -10.98 -3.32 1.57
O1 EDO H . -11.11 -4.15 2.66
C2 EDO H . -10.18 -4.04 0.67
O2 EDO H . -10.89 -5.11 0.18
C1 EDO I . 1.36 -17.96 4.61
O1 EDO I . 2.03 -16.74 4.93
C2 EDO I . 2.21 -18.75 3.61
O2 EDO I . 3.11 -19.67 4.18
#